data_6NIO
#
_entry.id   6NIO
#
_cell.length_a   51.922
_cell.length_b   54.305
_cell.length_c   69.785
_cell.angle_alpha   90.00
_cell.angle_beta   90.00
_cell.angle_gamma   90.00
#
_symmetry.space_group_name_H-M   'P 21 21 21'
#
loop_
_entity.id
_entity.type
_entity.pdbx_description
1 polymer 'Molybdate ABC transporter substrate-binding protein'
2 non-polymer '2-[N-CYCLOHEXYLAMINO]ETHANE SULFONIC ACID'
3 non-polymer 'ACETIC ACID'
4 non-polymer 'FORMIC ACID'
5 water water
#
_entity_poly.entity_id   1
_entity_poly.type   'polypeptide(L)'
_entity_poly.pdbx_seq_one_letter_code
;SNAADKITVFAAASLTNALQDIAVQYKQEKQVDVVASYASSSTLARQIEQGAPADLFISADQQW(MSE)DYAIDKQQIVA
NTRYTLLGNELVLIAPQDSQIDKVEIDKKTDWKKLLEGGRLAVGDPDHVPAGIYAKESLENLGAWSTLAPE(MSE)ARAN
NVRSA(MSE)ALVERAEAPLGIVYGSDAVASKKVKVVGIFPEASHKPVEYP(MSE)AIVKGHDNPTVTAFYDYLKSPAAA
VIFKNYGFTPR
;
_entity_poly.pdbx_strand_id   A
#
loop_
_chem_comp.id
_chem_comp.type
_chem_comp.name
_chem_comp.formula
ACY non-polymer 'ACETIC ACID' 'C2 H4 O2'
FMT non-polymer 'FORMIC ACID' 'C H2 O2'
NHE non-polymer '2-[N-CYCLOHEXYLAMINO]ETHANE SULFONIC ACID' 'C8 H17 N O3 S'
#
# COMPACT_ATOMS: atom_id res chain seq x y z
N ASP A 5 23.96 -13.94 7.20
CA ASP A 5 23.70 -14.94 6.15
C ASP A 5 22.36 -14.74 5.39
N LYS A 6 21.22 -15.08 6.02
CA LYS A 6 19.90 -14.90 5.41
C LYS A 6 18.98 -14.17 6.38
N ILE A 7 18.30 -13.15 5.89
CA ILE A 7 17.25 -12.43 6.61
C ILE A 7 15.93 -12.71 5.92
N THR A 8 14.90 -13.11 6.69
CA THR A 8 13.58 -13.40 6.14
C THR A 8 12.67 -12.21 6.48
N VAL A 9 12.12 -11.56 5.46
CA VAL A 9 11.22 -10.42 5.65
C VAL A 9 9.81 -10.84 5.26
N PHE A 10 8.83 -10.58 6.13
CA PHE A 10 7.40 -10.69 5.78
C PHE A 10 6.92 -9.30 5.45
N ALA A 11 6.56 -9.06 4.18
CA ALA A 11 6.24 -7.69 3.74
C ALA A 11 4.93 -7.65 2.97
N ALA A 12 4.14 -6.61 3.23
CA ALA A 12 2.92 -6.41 2.45
C ALA A 12 3.24 -6.49 0.95
N ALA A 13 2.37 -7.17 0.18
CA ALA A 13 2.72 -7.51 -1.20
C ALA A 13 2.92 -6.29 -2.08
N SER A 14 2.27 -5.16 -1.75
CA SER A 14 2.50 -3.95 -2.53
C SER A 14 3.96 -3.50 -2.52
N LEU A 15 4.74 -3.95 -1.58
CA LEU A 15 6.15 -3.55 -1.46
C LEU A 15 7.07 -4.37 -2.36
N THR A 16 6.55 -5.32 -3.15
CA THR A 16 7.40 -6.28 -3.86
C THR A 16 8.48 -5.58 -4.66
N ASN A 17 8.12 -4.64 -5.55
CA ASN A 17 9.17 -4.15 -6.45
C ASN A 17 10.24 -3.38 -5.68
N ALA A 18 9.83 -2.59 -4.70
CA ALA A 18 10.80 -1.80 -3.94
C ALA A 18 11.71 -2.71 -3.13
N LEU A 19 11.11 -3.67 -2.41
N LEU A 19 11.10 -3.66 -2.40
CA LEU A 19 11.93 -4.53 -1.55
CA LEU A 19 11.90 -4.53 -1.55
C LEU A 19 12.81 -5.46 -2.38
C LEU A 19 12.80 -5.46 -2.36
N GLN A 20 12.35 -5.91 -3.54
CA GLN A 20 13.20 -6.73 -4.38
C GLN A 20 14.44 -5.96 -4.81
N ASP A 21 14.25 -4.70 -5.23
CA ASP A 21 15.38 -3.84 -5.59
C ASP A 21 16.29 -3.62 -4.38
N ILE A 22 15.72 -3.38 -3.21
CA ILE A 22 16.53 -3.14 -2.03
C ILE A 22 17.34 -4.40 -1.69
N ALA A 23 16.72 -5.58 -1.81
CA ALA A 23 17.40 -6.83 -1.47
C ALA A 23 18.58 -7.11 -2.41
N VAL A 24 18.41 -6.83 -3.69
CA VAL A 24 19.53 -6.99 -4.64
C VAL A 24 20.68 -6.09 -4.24
N GLN A 25 20.38 -4.82 -3.97
CA GLN A 25 21.43 -3.88 -3.60
C GLN A 25 22.10 -4.26 -2.29
N TYR A 26 21.32 -4.68 -1.29
CA TYR A 26 21.90 -5.05 -0.01
C TYR A 26 22.80 -6.29 -0.13
N LYS A 27 22.40 -7.28 -0.96
CA LYS A 27 23.28 -8.43 -1.16
C LYS A 27 24.58 -8.01 -1.83
N GLN A 28 24.49 -7.10 -2.81
CA GLN A 28 25.69 -6.67 -3.52
C GLN A 28 26.64 -5.92 -2.59
N GLU A 29 26.11 -5.05 -1.72
CA GLU A 29 26.92 -4.21 -0.86
C GLU A 29 27.39 -4.93 0.40
N LYS A 30 26.57 -5.83 0.96
CA LYS A 30 26.79 -6.38 2.29
C LYS A 30 26.86 -7.89 2.33
N GLN A 31 26.65 -8.58 1.21
CA GLN A 31 26.79 -10.03 1.12
C GLN A 31 25.87 -10.75 2.10
N VAL A 32 24.71 -10.15 2.36
CA VAL A 32 23.66 -10.75 3.17
C VAL A 32 22.49 -11.04 2.24
N ASP A 33 21.96 -12.26 2.29
CA ASP A 33 20.80 -12.61 1.46
C ASP A 33 19.50 -12.25 2.18
N VAL A 34 18.73 -11.32 1.60
CA VAL A 34 17.42 -10.95 2.11
C VAL A 34 16.38 -11.63 1.25
N VAL A 35 15.51 -12.42 1.86
CA VAL A 35 14.46 -13.12 1.16
C VAL A 35 13.13 -12.72 1.75
N ALA A 36 12.20 -12.32 0.90
CA ALA A 36 10.94 -11.79 1.38
C ALA A 36 9.78 -12.67 0.94
N SER A 37 8.81 -12.86 1.83
CA SER A 37 7.49 -13.37 1.46
C SER A 37 6.53 -12.20 1.41
N TYR A 38 5.75 -12.14 0.31
CA TYR A 38 4.86 -11.02 0.04
C TYR A 38 3.42 -11.49 0.11
N ALA A 39 2.61 -10.89 0.98
CA ALA A 39 1.23 -11.35 1.18
C ALA A 39 0.44 -10.23 1.85
N SER A 40 -0.85 -10.44 2.07
N SER A 40 -0.83 -10.52 2.15
CA SER A 40 -1.58 -9.41 2.79
CA SER A 40 -1.65 -9.62 2.94
C SER A 40 -1.05 -9.30 4.22
C SER A 40 -1.01 -9.33 4.29
N SER A 41 -1.11 -8.07 4.75
CA SER A 41 -0.59 -7.78 6.09
C SER A 41 -1.22 -8.68 7.16
N SER A 42 -2.53 -8.94 7.04
CA SER A 42 -3.22 -9.78 8.03
C SER A 42 -2.68 -11.20 8.05
N THR A 43 -2.45 -11.78 6.88
CA THR A 43 -1.92 -13.13 6.82
C THR A 43 -0.49 -13.18 7.33
N LEU A 44 0.33 -12.18 6.99
CA LEU A 44 1.68 -12.18 7.49
C LEU A 44 1.68 -12.11 9.02
N ALA A 45 0.82 -11.24 9.59
CA ALA A 45 0.80 -11.10 11.04
C ALA A 45 0.32 -12.38 11.72
N ARG A 46 -0.72 -13.03 11.18
CA ARG A 46 -1.20 -14.26 11.79
C ARG A 46 -0.18 -15.36 11.66
N GLN A 47 0.54 -15.41 10.53
CA GLN A 47 1.55 -16.44 10.37
C GLN A 47 2.68 -16.25 11.36
N ILE A 48 3.09 -14.99 11.62
CA ILE A 48 4.05 -14.72 12.69
C ILE A 48 3.50 -15.19 14.03
N GLU A 49 2.21 -14.91 14.30
CA GLU A 49 1.59 -15.35 15.55
C GLU A 49 1.64 -16.87 15.70
N GLN A 50 1.49 -17.59 14.58
CA GLN A 50 1.46 -19.03 14.58
C GLN A 50 2.85 -19.66 14.54
N GLY A 51 3.90 -18.85 14.56
CA GLY A 51 5.26 -19.36 14.68
C GLY A 51 6.12 -19.35 13.43
N ALA A 52 5.66 -18.77 12.33
CA ALA A 52 6.50 -18.64 11.14
C ALA A 52 7.75 -17.81 11.47
N PRO A 53 8.97 -18.23 11.00
CA PRO A 53 10.25 -17.60 11.47
C PRO A 53 10.73 -16.36 10.71
N ALA A 54 9.92 -15.34 10.66
CA ALA A 54 10.37 -14.11 10.02
C ALA A 54 11.26 -13.29 10.94
N ASP A 55 12.20 -12.56 10.36
CA ASP A 55 13.05 -11.64 11.12
C ASP A 55 12.44 -10.24 11.24
N LEU A 56 11.75 -9.80 10.20
N LEU A 56 11.69 -9.82 10.23
CA LEU A 56 11.21 -8.44 10.11
CA LEU A 56 11.22 -8.46 10.13
C LEU A 56 9.81 -8.52 9.52
C LEU A 56 9.83 -8.49 9.49
N PHE A 57 8.93 -7.64 9.97
CA PHE A 57 7.57 -7.55 9.45
C PHE A 57 7.38 -6.10 9.00
N ILE A 58 6.94 -5.90 7.74
CA ILE A 58 6.54 -4.59 7.23
C ILE A 58 5.08 -4.71 6.83
N SER A 59 4.21 -4.06 7.59
CA SER A 59 2.79 -4.08 7.36
C SER A 59 2.38 -2.91 6.47
N ALA A 60 1.24 -3.05 5.78
CA ALA A 60 0.65 -1.95 5.02
C ALA A 60 -0.38 -1.22 5.84
N ASP A 61 -0.51 -1.58 7.12
CA ASP A 61 -1.33 -0.76 8.01
C ASP A 61 -0.91 -0.92 9.46
N GLN A 62 -1.36 0.06 10.26
CA GLN A 62 -1.03 0.07 11.68
C GLN A 62 -1.81 -0.99 12.45
N GLN A 63 -3.04 -1.31 12.02
CA GLN A 63 -3.86 -2.23 12.81
C GLN A 63 -3.26 -3.64 12.89
N TRP A 64 -2.69 -4.15 11.80
CA TRP A 64 -2.10 -5.48 11.84
C TRP A 64 -0.78 -5.50 12.59
N MSE A 65 -0.04 -4.38 12.62
CA MSE A 65 1.11 -4.26 13.50
C MSE A 65 0.65 -4.26 14.96
O MSE A 65 1.30 -4.89 15.81
CB MSE A 65 1.88 -2.99 13.15
CG MSE A 65 3.09 -2.83 14.01
SE MSE A 65 4.45 -4.25 13.91
CE MSE A 65 5.14 -3.88 12.13
N ASP A 66 -0.46 -3.54 15.28
CA ASP A 66 -1.00 -3.59 16.64
C ASP A 66 -1.31 -5.03 17.03
N TYR A 67 -1.94 -5.79 16.13
CA TYR A 67 -2.26 -7.19 16.40
C TYR A 67 -1.00 -8.00 16.72
N ALA A 68 0.04 -7.87 15.89
CA ALA A 68 1.24 -8.68 16.09
C ALA A 68 1.92 -8.31 17.40
N ILE A 69 1.94 -7.02 17.75
CA ILE A 69 2.54 -6.59 19.03
C ILE A 69 1.70 -7.10 20.18
N ASP A 70 0.37 -6.99 20.07
N ASP A 70 0.36 -7.01 20.08
CA ASP A 70 -0.50 -7.47 21.15
CA ASP A 70 -0.48 -7.46 21.19
C ASP A 70 -0.25 -8.95 21.43
C ASP A 70 -0.41 -8.98 21.40
N LYS A 71 0.01 -9.73 20.39
CA LYS A 71 0.27 -11.16 20.52
C LYS A 71 1.65 -11.47 21.06
N GLN A 72 2.44 -10.44 21.37
CA GLN A 72 3.77 -10.63 21.99
C GLN A 72 4.73 -11.34 21.05
N GLN A 73 4.62 -11.04 19.75
CA GLN A 73 5.49 -11.60 18.74
C GLN A 73 6.54 -10.63 18.22
N ILE A 74 6.52 -9.38 18.66
CA ILE A 74 7.31 -8.29 18.06
C ILE A 74 8.19 -7.67 19.12
N VAL A 75 9.36 -7.19 18.72
CA VAL A 75 10.12 -6.26 19.57
C VAL A 75 9.43 -4.90 19.43
N ALA A 76 8.46 -4.61 20.29
CA ALA A 76 7.59 -3.46 20.05
C ALA A 76 8.35 -2.16 20.01
N ASN A 77 9.47 -2.08 20.71
CA ASN A 77 10.20 -0.81 20.65
C ASN A 77 10.92 -0.57 19.34
N THR A 78 10.95 -1.55 18.44
CA THR A 78 11.48 -1.27 17.11
C THR A 78 10.41 -0.74 16.16
N ARG A 79 9.15 -0.69 16.57
CA ARG A 79 8.12 -0.26 15.63
C ARG A 79 8.48 1.11 15.04
N TYR A 80 8.41 1.23 13.71
CA TYR A 80 8.87 2.44 13.03
C TYR A 80 7.99 2.65 11.80
N THR A 81 7.32 3.80 11.70
CA THR A 81 6.50 4.03 10.52
C THR A 81 7.42 4.38 9.37
N LEU A 82 7.56 3.43 8.44
CA LEU A 82 8.58 3.53 7.39
C LEU A 82 8.13 4.36 6.21
N LEU A 83 6.87 4.21 5.79
CA LEU A 83 6.40 4.81 4.57
C LEU A 83 5.00 5.33 4.75
N GLY A 84 4.65 6.31 3.92
CA GLY A 84 3.29 6.74 3.73
C GLY A 84 2.87 6.54 2.27
N ASN A 85 1.58 6.74 2.04
CA ASN A 85 1.03 6.67 0.70
C ASN A 85 -0.04 7.75 0.58
N GLU A 86 -0.48 8.00 -0.64
CA GLU A 86 -1.65 8.84 -0.84
C GLU A 86 -2.80 7.97 -1.38
N LEU A 87 -4.02 8.47 -1.21
CA LEU A 87 -5.20 7.88 -1.86
C LEU A 87 -5.46 8.70 -3.11
N VAL A 88 -5.53 8.03 -4.27
CA VAL A 88 -5.53 8.75 -5.54
C VAL A 88 -6.68 8.33 -6.43
N LEU A 89 -7.04 9.25 -7.33
CA LEU A 89 -8.00 9.02 -8.37
C LEU A 89 -7.20 8.77 -9.64
N ILE A 90 -7.46 7.63 -10.28
CA ILE A 90 -6.75 7.25 -11.50
C ILE A 90 -7.70 7.21 -12.70
N ALA A 91 -7.12 7.39 -13.88
CA ALA A 91 -7.82 7.29 -15.16
C ALA A 91 -6.94 6.49 -16.10
N PRO A 92 -7.49 5.93 -17.17
CA PRO A 92 -6.60 5.35 -18.19
C PRO A 92 -5.62 6.42 -18.68
N GLN A 93 -4.41 5.98 -19.02
CA GLN A 93 -3.31 6.89 -19.33
C GLN A 93 -3.67 7.94 -20.38
N ASP A 94 -4.46 7.57 -21.40
CA ASP A 94 -4.79 8.50 -22.48
C ASP A 94 -6.14 9.18 -22.29
N SER A 95 -6.74 9.06 -21.10
CA SER A 95 -8.00 9.72 -20.81
C SER A 95 -7.92 11.22 -21.11
N GLN A 96 -9.08 11.78 -21.48
CA GLN A 96 -9.17 13.24 -21.62
C GLN A 96 -9.18 13.94 -20.27
N ILE A 97 -9.38 13.20 -19.17
CA ILE A 97 -9.26 13.78 -17.83
C ILE A 97 -7.77 13.84 -17.45
N ASP A 98 -7.29 15.00 -17.01
CA ASP A 98 -5.91 15.07 -16.51
C ASP A 98 -5.77 15.60 -15.09
N LYS A 99 -6.72 16.42 -14.64
CA LYS A 99 -6.60 17.01 -13.31
C LYS A 99 -8.00 17.22 -12.77
N VAL A 100 -8.24 16.67 -11.60
CA VAL A 100 -9.53 16.80 -10.92
C VAL A 100 -9.22 17.36 -9.53
N GLU A 101 -9.83 18.47 -9.19
CA GLU A 101 -9.75 18.98 -7.83
C GLU A 101 -10.79 18.21 -7.04
N ILE A 102 -10.36 17.48 -6.03
CA ILE A 102 -11.24 16.60 -5.27
C ILE A 102 -11.66 17.34 -4.01
N ASP A 103 -12.95 17.68 -3.94
CA ASP A 103 -13.49 18.38 -2.76
C ASP A 103 -14.99 18.11 -2.70
N LYS A 104 -15.69 18.83 -1.82
CA LYS A 104 -17.13 18.57 -1.68
C LYS A 104 -17.93 18.99 -2.89
N LYS A 105 -17.33 19.73 -3.81
CA LYS A 105 -18.01 20.24 -4.98
C LYS A 105 -17.74 19.45 -6.25
N THR A 106 -16.86 18.45 -6.20
CA THR A 106 -16.50 17.70 -7.41
C THR A 106 -17.74 17.16 -8.10
N ASP A 107 -17.82 17.38 -9.41
CA ASP A 107 -18.94 16.85 -10.19
C ASP A 107 -18.58 15.45 -10.68
N TRP A 108 -18.79 14.47 -9.81
CA TRP A 108 -18.42 13.10 -10.13
C TRP A 108 -19.17 12.56 -11.35
N LYS A 109 -20.47 12.91 -11.48
CA LYS A 109 -21.27 12.38 -12.57
C LYS A 109 -20.77 12.86 -13.93
N LYS A 110 -20.39 14.13 -14.02
CA LYS A 110 -19.83 14.63 -15.25
C LYS A 110 -18.52 13.94 -15.58
N LEU A 111 -17.72 13.61 -14.57
CA LEU A 111 -16.44 12.97 -14.84
C LEU A 111 -16.62 11.56 -15.35
N LEU A 112 -17.56 10.81 -14.76
CA LEU A 112 -17.77 9.41 -15.14
C LEU A 112 -18.47 9.29 -16.50
N GLU A 113 -19.31 10.26 -16.85
CA GLU A 113 -20.13 10.20 -18.08
C GLU A 113 -20.80 8.83 -18.25
N GLY A 114 -21.38 8.33 -17.15
CA GLY A 114 -22.11 7.08 -17.19
C GLY A 114 -21.24 5.84 -17.03
N GLY A 115 -19.91 5.97 -17.00
CA GLY A 115 -19.05 4.83 -16.78
C GLY A 115 -18.95 4.48 -15.30
N ARG A 116 -18.36 3.31 -15.00
CA ARG A 116 -18.25 2.91 -13.59
C ARG A 116 -17.01 3.50 -12.93
N LEU A 117 -17.10 3.67 -11.61
CA LEU A 117 -15.96 4.05 -10.76
C LEU A 117 -15.38 2.77 -10.15
N ALA A 118 -14.16 2.39 -10.57
CA ALA A 118 -13.54 1.15 -10.08
C ALA A 118 -12.98 1.34 -8.67
N VAL A 119 -13.44 0.52 -7.72
CA VAL A 119 -12.93 0.57 -6.35
C VAL A 119 -12.69 -0.84 -5.83
N GLY A 120 -11.80 -0.99 -4.86
CA GLY A 120 -11.84 -2.22 -4.07
C GLY A 120 -13.15 -2.29 -3.30
N ASP A 121 -13.69 -3.49 -3.17
CA ASP A 121 -14.95 -3.66 -2.45
C ASP A 121 -14.84 -3.00 -1.09
N PRO A 122 -15.64 -1.99 -0.78
CA PRO A 122 -15.44 -1.25 0.46
C PRO A 122 -15.80 -2.03 1.69
N ASP A 123 -16.42 -3.21 1.53
CA ASP A 123 -16.62 -4.09 2.67
C ASP A 123 -15.32 -4.66 3.21
N HIS A 124 -14.25 -4.76 2.39
CA HIS A 124 -13.06 -5.43 2.90
C HIS A 124 -11.72 -5.04 2.26
N VAL A 125 -11.70 -4.53 1.04
CA VAL A 125 -10.42 -4.19 0.40
C VAL A 125 -9.88 -2.90 1.00
N PRO A 126 -8.63 -2.87 1.47
CA PRO A 126 -8.11 -1.61 2.05
C PRO A 126 -8.37 -0.38 1.22
N ALA A 127 -8.00 -0.38 -0.06
CA ALA A 127 -8.22 0.82 -0.87
C ALA A 127 -9.70 1.18 -0.95
N GLY A 128 -10.57 0.19 -0.83
CA GLY A 128 -12.01 0.46 -0.84
C GLY A 128 -12.50 1.05 0.46
N ILE A 129 -11.94 0.57 1.58
CA ILE A 129 -12.28 1.11 2.89
C ILE A 129 -11.86 2.57 3.00
N TYR A 130 -10.64 2.89 2.53
CA TYR A 130 -10.20 4.29 2.54
C TYR A 130 -11.02 5.13 1.58
N ALA A 131 -11.36 4.59 0.39
CA ALA A 131 -12.19 5.30 -0.59
C ALA A 131 -13.55 5.62 0.00
N LYS A 132 -14.15 4.67 0.71
CA LYS A 132 -15.45 4.93 1.30
C LYS A 132 -15.37 5.99 2.40
N GLU A 133 -14.34 5.95 3.25
CA GLU A 133 -14.16 6.98 4.26
C GLU A 133 -14.04 8.35 3.62
N SER A 134 -13.20 8.48 2.59
CA SER A 134 -12.97 9.77 1.97
C SER A 134 -14.24 10.30 1.31
N LEU A 135 -14.92 9.43 0.54
CA LEU A 135 -16.13 9.82 -0.18
C LEU A 135 -17.28 10.13 0.75
N GLU A 136 -17.38 9.42 1.88
CA GLU A 136 -18.36 9.78 2.89
C GLU A 136 -18.07 11.16 3.44
N ASN A 137 -16.79 11.45 3.76
CA ASN A 137 -16.45 12.77 4.30
C ASN A 137 -16.65 13.87 3.26
N LEU A 138 -16.57 13.52 1.97
CA LEU A 138 -16.77 14.49 0.92
C LEU A 138 -18.24 14.61 0.48
N GLY A 139 -19.15 13.83 1.09
CA GLY A 139 -20.55 13.87 0.72
C GLY A 139 -20.90 13.28 -0.62
N ALA A 140 -20.03 12.44 -1.18
CA ALA A 140 -20.23 11.90 -2.53
C ALA A 140 -20.58 10.43 -2.54
N TRP A 141 -20.52 9.74 -1.40
CA TRP A 141 -20.72 8.30 -1.38
C TRP A 141 -22.09 7.88 -1.92
N SER A 142 -23.16 8.49 -1.43
CA SER A 142 -24.50 7.97 -1.77
C SER A 142 -24.79 8.09 -3.28
N THR A 143 -24.34 9.16 -3.91
CA THR A 143 -24.65 9.33 -5.31
C THR A 143 -23.81 8.41 -6.20
N LEU A 144 -22.63 8.01 -5.72
CA LEU A 144 -21.74 7.14 -6.45
C LEU A 144 -21.94 5.66 -6.18
N ALA A 145 -22.60 5.29 -5.09
CA ALA A 145 -22.71 3.88 -4.72
C ALA A 145 -23.18 2.96 -5.83
N PRO A 146 -24.21 3.28 -6.62
CA PRO A 146 -24.59 2.37 -7.70
C PRO A 146 -23.74 2.48 -8.94
N GLU A 147 -22.78 3.44 -8.97
CA GLU A 147 -21.90 3.61 -10.09
C GLU A 147 -20.58 2.91 -9.90
N MSE A 148 -20.33 2.33 -8.73
CA MSE A 148 -19.07 1.68 -8.48
C MSE A 148 -18.98 0.28 -9.05
O MSE A 148 -19.96 -0.49 -8.99
CB MSE A 148 -18.82 1.59 -6.98
CG MSE A 148 -18.53 2.92 -6.41
SE MSE A 148 -18.47 2.86 -4.47
CE MSE A 148 -18.83 4.78 -4.28
N ALA A 149 -17.82 -0.05 -9.60
CA ALA A 149 -17.49 -1.44 -9.91
C ALA A 149 -16.68 -1.91 -8.71
N ARG A 150 -17.28 -2.74 -7.87
CA ARG A 150 -16.68 -3.16 -6.59
C ARG A 150 -15.88 -4.44 -6.81
N ALA A 151 -14.57 -4.30 -7.00
CA ALA A 151 -13.72 -5.42 -7.35
C ALA A 151 -13.26 -6.18 -6.09
N ASN A 152 -12.86 -7.44 -6.29
N ASN A 152 -12.87 -7.44 -6.28
CA ASN A 152 -12.50 -8.32 -5.17
CA ASN A 152 -12.52 -8.26 -5.11
C ASN A 152 -11.16 -7.97 -4.54
C ASN A 152 -11.20 -7.86 -4.48
N ASN A 153 -10.36 -7.12 -5.20
CA ASN A 153 -9.06 -6.68 -4.68
C ASN A 153 -8.64 -5.48 -5.51
N VAL A 154 -7.59 -4.82 -5.06
CA VAL A 154 -7.21 -3.56 -5.68
C VAL A 154 -6.61 -3.79 -7.08
N ARG A 155 -5.94 -4.91 -7.30
N ARG A 155 -5.95 -4.90 -7.30
N ARG A 155 -5.92 -4.91 -7.30
CA ARG A 155 -5.41 -5.21 -8.62
CA ARG A 155 -5.41 -5.14 -8.64
CA ARG A 155 -5.40 -5.24 -8.62
C ARG A 155 -6.53 -5.37 -9.63
C ARG A 155 -6.52 -5.37 -9.65
C ARG A 155 -6.54 -5.36 -9.62
N SER A 156 -7.62 -6.03 -9.25
CA SER A 156 -8.76 -6.19 -10.14
C SER A 156 -9.42 -4.85 -10.41
N ALA A 157 -9.52 -3.99 -9.41
CA ALA A 157 -10.06 -2.66 -9.65
C ALA A 157 -9.20 -1.90 -10.64
N MSE A 158 -7.89 -1.95 -10.44
CA MSE A 158 -7.03 -1.19 -11.33
C MSE A 158 -7.07 -1.75 -12.77
O MSE A 158 -6.99 -1.00 -13.74
CB MSE A 158 -5.61 -1.09 -10.76
CG MSE A 158 -4.77 -0.03 -11.49
SE MSE A 158 -3.29 0.50 -10.46
CE MSE A 158 -3.04 -1.10 -9.69
N ALA A 159 -7.26 -3.07 -12.91
CA ALA A 159 -7.32 -3.66 -14.24
C ALA A 159 -8.49 -3.11 -15.04
N LEU A 160 -9.61 -2.77 -14.39
CA LEU A 160 -10.73 -2.17 -15.11
C LEU A 160 -10.31 -0.86 -15.72
N VAL A 161 -9.50 -0.09 -15.00
CA VAL A 161 -9.06 1.20 -15.52
C VAL A 161 -7.97 1.02 -16.58
N GLU A 162 -7.05 0.08 -16.37
CA GLU A 162 -5.99 -0.18 -17.36
C GLU A 162 -6.60 -0.52 -18.71
N ARG A 163 -7.67 -1.30 -18.72
CA ARG A 163 -8.33 -1.69 -19.95
C ARG A 163 -9.33 -0.66 -20.43
N ALA A 164 -9.43 0.50 -19.76
CA ALA A 164 -10.37 1.55 -20.14
C ALA A 164 -11.82 1.07 -20.12
N GLU A 165 -12.12 0.05 -19.28
CA GLU A 165 -13.49 -0.38 -19.02
C GLU A 165 -14.19 0.51 -18.00
N ALA A 166 -13.44 1.11 -17.08
CA ALA A 166 -13.89 2.08 -16.10
C ALA A 166 -13.10 3.36 -16.30
N PRO A 167 -13.76 4.52 -16.44
CA PRO A 167 -13.00 5.76 -16.73
C PRO A 167 -12.27 6.32 -15.53
N LEU A 168 -12.63 5.94 -14.31
CA LEU A 168 -11.94 6.37 -13.11
C LEU A 168 -11.86 5.21 -12.13
N GLY A 169 -10.84 5.25 -11.27
CA GLY A 169 -10.72 4.33 -10.17
C GLY A 169 -10.07 5.01 -8.97
N ILE A 170 -10.13 4.33 -7.83
CA ILE A 170 -9.55 4.83 -6.60
C ILE A 170 -8.57 3.78 -6.07
N VAL A 171 -7.30 4.14 -5.97
CA VAL A 171 -6.24 3.23 -5.52
C VAL A 171 -5.25 4.02 -4.67
N TYR A 172 -4.16 3.37 -4.22
CA TYR A 172 -3.08 4.11 -3.57
C TYR A 172 -2.11 4.69 -4.59
N GLY A 173 -1.44 5.78 -4.20
CA GLY A 173 -0.43 6.39 -5.07
C GLY A 173 0.57 5.40 -5.62
N SER A 174 1.10 4.52 -4.76
CA SER A 174 2.07 3.55 -5.22
C SER A 174 1.44 2.57 -6.21
N ASP A 175 0.12 2.27 -6.10
CA ASP A 175 -0.54 1.42 -7.08
C ASP A 175 -0.50 2.09 -8.45
N ALA A 176 -0.73 3.41 -8.48
CA ALA A 176 -0.79 4.10 -9.75
C ALA A 176 0.60 4.15 -10.39
N VAL A 177 1.66 4.27 -9.59
CA VAL A 177 3.03 4.22 -10.10
C VAL A 177 3.36 2.83 -10.65
N ALA A 178 2.83 1.78 -10.04
CA ALA A 178 3.16 0.43 -10.50
C ALA A 178 2.60 0.17 -11.88
N SER A 179 1.44 0.74 -12.19
CA SER A 179 0.71 0.40 -13.40
C SER A 179 0.95 1.51 -14.42
N LYS A 180 1.76 1.23 -15.44
CA LYS A 180 2.10 2.19 -16.47
C LYS A 180 0.91 2.56 -17.37
N LYS A 181 -0.19 1.85 -17.27
CA LYS A 181 -1.34 2.12 -18.11
C LYS A 181 -2.39 3.02 -17.45
N VAL A 182 -2.17 3.47 -16.22
CA VAL A 182 -3.03 4.46 -15.57
C VAL A 182 -2.20 5.65 -15.12
N LYS A 183 -2.91 6.78 -14.94
CA LYS A 183 -2.31 8.01 -14.47
C LYS A 183 -3.11 8.53 -13.29
N VAL A 184 -2.45 9.23 -12.40
CA VAL A 184 -3.10 9.94 -11.32
C VAL A 184 -3.68 11.22 -11.89
N VAL A 185 -4.99 11.40 -11.75
CA VAL A 185 -5.65 12.64 -12.11
C VAL A 185 -6.07 13.47 -10.92
N GLY A 186 -6.00 12.94 -9.70
CA GLY A 186 -6.39 13.70 -8.54
C GLY A 186 -5.89 13.03 -7.29
N ILE A 187 -5.70 13.80 -6.22
CA ILE A 187 -5.27 13.26 -4.94
C ILE A 187 -6.40 13.53 -3.96
N PHE A 188 -6.92 12.45 -3.34
CA PHE A 188 -7.94 12.66 -2.31
C PHE A 188 -7.37 13.49 -1.17
N PRO A 189 -8.13 14.45 -0.65
CA PRO A 189 -7.56 15.34 0.38
C PRO A 189 -7.11 14.54 1.60
N GLU A 190 -5.89 14.82 2.05
CA GLU A 190 -5.34 14.07 3.16
C GLU A 190 -6.16 14.28 4.44
N ALA A 191 -6.91 15.38 4.55
CA ALA A 191 -7.75 15.57 5.72
C ALA A 191 -8.93 14.61 5.76
N SER A 192 -9.25 13.93 4.66
CA SER A 192 -10.53 13.25 4.52
C SER A 192 -10.49 11.76 4.86
N HIS A 193 -9.32 11.20 5.17
CA HIS A 193 -9.27 9.77 5.42
C HIS A 193 -8.08 9.48 6.34
N LYS A 194 -8.10 8.31 6.96
CA LYS A 194 -6.99 7.89 7.81
C LYS A 194 -5.69 7.81 7.00
N PRO A 195 -4.53 8.08 7.60
CA PRO A 195 -3.30 8.01 6.82
C PRO A 195 -3.04 6.58 6.37
N VAL A 196 -2.51 6.44 5.16
CA VAL A 196 -2.00 5.17 4.69
C VAL A 196 -0.54 5.08 5.15
N GLU A 197 -0.23 4.13 6.03
CA GLU A 197 1.06 4.06 6.69
C GLU A 197 1.55 2.63 6.80
N TYR A 198 2.87 2.46 6.68
CA TYR A 198 3.49 1.14 6.60
C TYR A 198 4.48 1.07 7.75
N PRO A 199 4.13 0.45 8.88
CA PRO A 199 5.11 0.27 9.96
C PRO A 199 5.93 -0.99 9.73
N MSE A 200 7.18 -0.91 10.18
CA MSE A 200 8.08 -2.06 10.28
C MSE A 200 8.48 -2.36 11.70
O MSE A 200 8.45 -1.47 12.56
CB MSE A 200 9.33 -1.91 9.41
CG MSE A 200 10.38 -0.90 9.93
SE MSE A 200 11.98 -1.04 8.91
CE MSE A 200 12.89 0.43 9.78
N ALA A 201 8.85 -3.60 11.97
CA ALA A 201 9.37 -3.95 13.29
C ALA A 201 10.16 -5.25 13.19
N ILE A 202 11.08 -5.42 14.13
CA ILE A 202 11.80 -6.69 14.27
C ILE A 202 10.96 -7.69 15.06
N VAL A 203 10.95 -8.94 14.62
CA VAL A 203 10.20 -10.01 15.28
C VAL A 203 10.95 -10.45 16.54
N LYS A 204 10.16 -10.75 17.59
CA LYS A 204 10.77 -11.13 18.87
C LYS A 204 11.60 -12.39 18.68
N GLY A 205 12.82 -12.40 19.25
CA GLY A 205 13.75 -13.50 19.03
C GLY A 205 14.73 -13.29 17.90
N HIS A 206 14.52 -12.25 17.09
CA HIS A 206 15.35 -12.01 15.90
C HIS A 206 16.11 -10.69 16.01
N ASP A 207 16.26 -10.19 17.24
CA ASP A 207 16.86 -8.90 17.54
C ASP A 207 18.37 -9.10 17.66
N ASN A 208 19.02 -9.22 16.52
CA ASN A 208 20.45 -9.45 16.56
C ASN A 208 21.10 -8.41 15.66
N PRO A 209 22.44 -8.35 15.65
CA PRO A 209 23.10 -7.31 14.84
C PRO A 209 22.84 -7.43 13.34
N THR A 210 22.75 -8.64 12.78
CA THR A 210 22.51 -8.79 11.35
C THR A 210 21.14 -8.22 10.96
N VAL A 211 20.10 -8.59 11.70
CA VAL A 211 18.77 -8.09 11.38
C VAL A 211 18.68 -6.58 11.58
N THR A 212 19.30 -6.07 12.65
CA THR A 212 19.27 -4.64 12.91
C THR A 212 19.94 -3.85 11.80
N ALA A 213 21.04 -4.38 11.23
CA ALA A 213 21.69 -3.68 10.13
C ALA A 213 20.76 -3.52 8.93
N PHE A 214 19.93 -4.53 8.65
CA PHE A 214 19.03 -4.38 7.51
C PHE A 214 17.84 -3.48 7.84
N TYR A 215 17.31 -3.61 9.05
CA TYR A 215 16.31 -2.66 9.55
C TYR A 215 16.78 -1.23 9.37
N ASP A 216 18.03 -0.96 9.77
CA ASP A 216 18.56 0.39 9.66
C ASP A 216 18.68 0.77 8.21
N TYR A 217 19.07 -0.19 7.36
CA TYR A 217 19.21 0.10 5.92
C TYR A 217 17.87 0.50 5.33
N LEU A 218 16.80 -0.16 5.76
CA LEU A 218 15.46 0.11 5.21
C LEU A 218 15.04 1.54 5.46
N LYS A 219 15.45 2.11 6.60
CA LYS A 219 15.06 3.47 6.91
C LYS A 219 16.14 4.49 6.54
N SER A 220 17.17 4.08 5.74
CA SER A 220 18.28 4.95 5.36
C SER A 220 18.04 5.59 3.99
N PRO A 221 18.78 6.64 3.67
CA PRO A 221 18.63 7.32 2.36
C PRO A 221 18.74 6.42 1.15
N ALA A 222 19.62 5.41 1.15
CA ALA A 222 19.73 4.53 -0.01
C ALA A 222 18.42 3.76 -0.28
N ALA A 223 17.78 3.23 0.76
CA ALA A 223 16.51 2.57 0.53
C ALA A 223 15.41 3.58 0.21
N ALA A 224 15.47 4.77 0.80
CA ALA A 224 14.46 5.78 0.54
C ALA A 224 14.37 6.10 -0.94
N VAL A 225 15.53 6.21 -1.63
CA VAL A 225 15.53 6.43 -3.08
C VAL A 225 14.67 5.40 -3.81
N ILE A 226 14.81 4.14 -3.41
CA ILE A 226 14.10 3.05 -4.09
C ILE A 226 12.60 3.08 -3.77
N PHE A 227 12.26 3.34 -2.50
CA PHE A 227 10.83 3.48 -2.16
C PHE A 227 10.18 4.62 -2.94
N LYS A 228 10.86 5.76 -3.05
CA LYS A 228 10.35 6.89 -3.84
C LYS A 228 10.15 6.50 -5.29
N ASN A 229 11.08 5.71 -5.85
N ASN A 229 11.07 5.71 -5.85
CA ASN A 229 10.95 5.24 -7.24
CA ASN A 229 10.96 5.26 -7.23
C ASN A 229 9.61 4.52 -7.48
C ASN A 229 9.63 4.51 -7.47
N TYR A 230 9.09 3.84 -6.46
CA TYR A 230 7.87 3.05 -6.57
C TYR A 230 6.66 3.75 -5.97
N GLY A 231 6.76 5.06 -5.73
CA GLY A 231 5.61 5.87 -5.35
C GLY A 231 5.24 5.86 -3.90
N PHE A 232 6.11 5.35 -3.02
CA PHE A 232 5.90 5.49 -1.59
C PHE A 232 6.55 6.78 -1.09
N THR A 233 6.07 7.26 0.06
CA THR A 233 6.67 8.44 0.67
C THR A 233 7.52 7.99 1.83
N PRO A 234 8.85 8.06 1.77
CA PRO A 234 9.66 7.63 2.90
C PRO A 234 9.54 8.65 4.02
N ARG A 235 9.35 8.12 5.24
CA ARG A 235 9.11 8.84 6.52
C ARG A 235 10.36 8.88 7.41
C3' NHE B . -7.02 0.58 -23.73
C3' NHE B . -6.90 0.90 -23.67
C2' NHE B . -6.17 -0.68 -23.80
C2' NHE B . -6.16 -0.42 -23.84
C1' NHE B . -7.01 -1.89 -24.19
C1' NHE B . -7.08 -1.50 -24.36
C6' NHE B . -7.80 -1.60 -25.47
C6' NHE B . -7.61 -1.16 -25.75
N NHE B . -6.21 -3.12 -24.28
N NHE B . -6.43 -2.82 -24.36
C1 NHE B . -6.91 -4.37 -23.97
C1 NHE B . -6.91 -3.75 -23.34
C2 NHE B . -6.71 -5.43 -25.05
C2 NHE B . -8.38 -4.12 -23.54
S NHE B . -5.56 -6.74 -24.70
S NHE B . -8.54 -5.88 -23.54
O1 NHE B . -6.36 -7.89 -24.34
O1 NHE B . -9.94 -6.16 -23.63
O2 NHE B . -4.62 -6.24 -23.75
O2 NHE B . -7.80 -6.36 -22.40
O3 NHE B . -4.86 -6.98 -26.06
O3 NHE B . -7.79 -6.28 -24.84
C5' NHE B . -7.44 -0.25 -26.05
C5' NHE B . -7.47 0.33 -26.04
C4' NHE B . -7.69 0.87 -25.06
C4' NHE B . -7.85 1.15 -24.83
C ACY C . -22.85 10.46 1.59
O ACY C . -21.99 10.95 2.30
OXT ACY C . -23.08 10.81 0.38
CH3 ACY C . -23.67 9.23 2.02
C FMT D . -2.15 -4.98 2.79
O1 FMT D . -1.45 -5.90 3.09
O2 FMT D . -3.35 -4.83 3.12
#